data_8IDM
#
_entry.id   8IDM
#
_cell.length_a   104.440
_cell.length_b   104.440
_cell.length_c   318.223
_cell.angle_alpha   90.00
_cell.angle_beta   90.00
_cell.angle_gamma   120.00
#
_symmetry.space_group_name_H-M   'P 64 2 2'
#
loop_
_entity.id
_entity.type
_entity.pdbx_description
1 polymer VHH-227
2 polymer VHH-T71
3 polymer 'Spike protein S1'
4 branched alpha-L-fucopyranose-(1-6)-2-acetamido-2-deoxy-beta-D-glucopyranose
5 branched 2-acetamido-2-deoxy-beta-D-glucopyranose-(1-4)-2-acetamido-2-deoxy-beta-D-glucopyranose
6 non-polymer 2-acetamido-2-deoxy-beta-D-glucopyranose
#
loop_
_entity_poly.entity_id
_entity_poly.type
_entity_poly.pdbx_seq_one_letter_code
_entity_poly.pdbx_strand_id
1 'polypeptide(L)'
;QVQLQESGGGSVQAGGSLRLSCSGYTYSSNCVVWFRQTPGKEREVVASIYTGDNSTYYADSVKGRFTISLDNGKKTLYLQ
MDSLEAEDTARYYCAAGAATTQTMVACGRTPGPYELKYWGQGTQVTVSSHHHHHH
;
B
2 'polypeptide(L)'
;QVQLQESGGGSVQAGGSLTLSCTFSSEYTFTHNAVGWFRQAPGKEREGVAAINGGGGSTYYADSVKDRFTISRDNANTVA
SLIMKNLKPEDSGIYYCATDVRLIDWYSGDWSLARLYSTWGQGTQVTVSSHHHHHH
;
A
3 'polypeptide(L)'
;EAKPSGSVVEQAEGVECDFSPLLSGTPPQVYNFKRLVFTNCNYNLTKLLSLFSVNDFTCSQISPAAIASNCYSSLILDYF
SYPLSMKSDLSVSSAGPISQFNYKQSFSNPTCLILATVPHNLTTITKPLKYSYINKCSRLLSDDRTEVPQLVNANQYSPC
VSIVPSTVWEDGDYYRKQLSPLEGGGWLVASGSTVAMTEQLQMGFGITVQYGTDTNSVCPKLEHHHHHH
;
D
#
loop_
_chem_comp.id
_chem_comp.type
_chem_comp.name
_chem_comp.formula
FUC L-saccharide, alpha linking alpha-L-fucopyranose 'C6 H12 O5'
NAG D-saccharide, beta linking 2-acetamido-2-deoxy-beta-D-glucopyranose 'C8 H15 N O6'
#
# COMPACT_ATOMS: atom_id res chain seq x y z
N GLN A 1 1.48 -9.29 21.42
CA GLN A 1 2.16 -8.38 22.35
C GLN A 1 3.54 -8.94 22.64
N VAL A 2 4.38 -8.18 23.35
CA VAL A 2 5.76 -8.61 23.57
C VAL A 2 6.28 -8.01 24.88
N GLN A 3 7.23 -8.72 25.49
CA GLN A 3 7.93 -8.29 26.69
C GLN A 3 9.43 -8.43 26.45
N LEU A 4 10.18 -7.38 26.79
CA LEU A 4 11.61 -7.37 26.50
C LEU A 4 12.36 -8.28 27.46
N GLN A 5 13.40 -8.93 26.93
CA GLN A 5 14.23 -9.87 27.69
C GLN A 5 15.69 -9.45 27.60
N GLU A 6 16.40 -9.58 28.72
CA GLU A 6 17.77 -9.12 28.84
C GLU A 6 18.66 -10.26 29.32
N SER A 7 19.96 -10.15 29.01
CA SER A 7 20.93 -11.15 29.44
C SER A 7 22.33 -10.56 29.37
N GLY A 8 23.26 -11.24 30.02
CA GLY A 8 24.67 -10.89 29.96
C GLY A 8 25.27 -10.35 31.24
N GLY A 9 24.56 -10.41 32.36
CA GLY A 9 25.05 -9.82 33.59
C GLY A 9 25.90 -10.78 34.42
N GLY A 10 26.48 -10.23 35.48
CA GLY A 10 27.27 -11.02 36.41
C GLY A 10 28.23 -10.12 37.19
N SER A 11 29.23 -10.76 37.79
CA SER A 11 30.30 -10.04 38.48
C SER A 11 31.60 -10.21 37.71
N VAL A 12 32.32 -9.11 37.50
CA VAL A 12 33.52 -9.11 36.66
C VAL A 12 34.56 -8.17 37.28
N GLN A 13 35.82 -8.55 37.16
CA GLN A 13 36.90 -7.70 37.64
C GLN A 13 37.00 -6.44 36.80
N ALA A 14 37.44 -5.35 37.42
CA ALA A 14 37.61 -4.09 36.72
C ALA A 14 38.60 -4.25 35.57
N GLY A 15 38.50 -3.35 34.59
CA GLY A 15 39.20 -3.53 33.34
C GLY A 15 38.68 -4.66 32.49
N GLY A 16 37.63 -5.35 32.93
CA GLY A 16 37.03 -6.40 32.15
C GLY A 16 36.02 -5.84 31.15
N SER A 17 35.43 -6.76 30.41
CA SER A 17 34.43 -6.42 29.42
C SER A 17 33.29 -7.42 29.51
N LEU A 18 32.10 -7.01 29.08
CA LEU A 18 30.94 -7.89 29.19
C LEU A 18 29.83 -7.37 28.29
N ARG A 19 29.13 -8.28 27.63
CA ARG A 19 28.11 -7.94 26.64
C ARG A 19 26.72 -8.12 27.21
N LEU A 20 25.90 -7.07 27.10
CA LEU A 20 24.52 -7.10 27.53
C LEU A 20 23.62 -7.22 26.31
N SER A 21 22.62 -8.10 26.38
CA SER A 21 21.80 -8.45 25.22
C SER A 21 20.33 -8.24 25.53
N CYS A 22 19.65 -7.45 24.71
CA CYS A 22 18.21 -7.22 24.84
C CYS A 22 17.50 -7.78 23.61
N SER A 23 16.36 -8.43 23.85
CA SER A 23 15.64 -9.10 22.77
C SER A 23 14.14 -8.90 22.95
N GLY A 24 13.43 -8.87 21.82
CA GLY A 24 11.98 -8.82 21.85
C GLY A 24 11.37 -7.70 21.05
N TYR A 25 12.16 -6.68 20.69
CA TYR A 25 11.58 -5.53 20.03
C TYR A 25 11.25 -5.86 18.57
N THR A 26 9.98 -5.68 18.22
CA THR A 26 9.48 -5.97 16.88
C THR A 26 9.61 -4.78 15.93
N TYR A 27 10.03 -3.63 16.44
CA TYR A 27 9.97 -2.40 15.68
C TYR A 27 11.11 -2.35 14.67
N SER A 28 10.79 -2.07 13.41
CA SER A 28 11.83 -1.71 12.46
C SER A 28 12.37 -0.32 12.76
N SER A 29 11.49 0.59 13.21
CA SER A 29 11.85 1.96 13.52
C SER A 29 11.23 2.35 14.87
N ASN A 30 12.05 2.42 15.91
CA ASN A 30 11.63 2.94 17.21
C ASN A 30 12.88 3.16 18.04
N CYS A 31 12.66 3.53 19.31
CA CYS A 31 13.74 3.89 20.20
C CYS A 31 14.00 2.76 21.19
N VAL A 32 15.25 2.35 21.31
CA VAL A 32 15.66 1.34 22.28
C VAL A 32 16.69 1.96 23.20
N VAL A 33 16.49 1.83 24.51
CA VAL A 33 17.31 2.51 25.49
C VAL A 33 17.74 1.52 26.56
N TRP A 34 18.98 1.65 27.02
CA TRP A 34 19.51 0.89 28.13
C TRP A 34 19.62 1.83 29.32
N PHE A 35 18.90 1.57 30.40
CA PHE A 35 19.22 2.22 31.66
C PHE A 35 20.07 1.37 32.58
N ARG A 36 20.51 2.04 33.64
CA ARG A 36 21.27 1.49 34.76
C ARG A 36 20.54 1.87 36.04
N GLN A 37 20.32 0.90 36.92
CA GLN A 37 19.73 1.16 38.23
C GLN A 37 20.81 0.90 39.29
N THR A 38 21.60 1.92 39.57
CA THR A 38 22.40 1.94 40.78
C THR A 38 21.49 1.73 42.00
N PRO A 39 21.73 0.71 42.82
CA PRO A 39 20.80 0.38 43.90
C PRO A 39 20.68 1.53 44.90
N GLY A 40 19.44 1.79 45.32
CA GLY A 40 19.19 2.90 46.21
C GLY A 40 19.59 4.24 45.65
N LYS A 41 19.50 4.41 44.33
CA LYS A 41 19.82 5.67 43.66
C LYS A 41 18.88 5.83 42.47
N GLU A 42 19.08 6.91 41.72
CA GLU A 42 18.18 7.24 40.64
C GLU A 42 18.52 6.47 39.36
N ARG A 43 17.52 6.35 38.49
CA ARG A 43 17.70 5.75 37.17
C ARG A 43 18.57 6.65 36.30
N GLU A 44 19.50 6.04 35.56
CA GLU A 44 20.39 6.78 34.68
C GLU A 44 20.38 6.14 33.29
N VAL A 45 20.13 6.96 32.28
CA VAL A 45 20.25 6.50 30.90
C VAL A 45 21.70 6.16 30.61
N VAL A 46 21.92 4.99 30.05
CA VAL A 46 23.26 4.59 29.60
C VAL A 46 23.48 4.95 28.15
N ALA A 47 22.59 4.50 27.27
CA ALA A 47 22.72 4.78 25.85
C ALA A 47 21.38 4.56 25.18
N SER A 48 21.27 5.05 23.96
CA SER A 48 20.05 4.90 23.17
C SER A 48 20.42 4.84 21.70
N ILE A 49 19.54 4.22 20.93
CA ILE A 49 19.70 4.11 19.48
C ILE A 49 18.32 4.18 18.83
N TYR A 50 18.22 4.94 17.74
CA TYR A 50 17.01 5.01 16.94
C TYR A 50 17.23 4.15 15.70
N THR A 51 16.49 3.04 15.61
CA THR A 51 16.68 2.07 14.53
C THR A 51 16.50 2.71 13.15
N GLY A 52 15.71 3.78 13.06
CA GLY A 52 15.40 4.37 11.76
C GLY A 52 16.63 4.84 11.01
N ASP A 53 17.49 5.60 11.72
CA ASP A 53 18.70 6.20 11.10
C ASP A 53 19.95 5.70 11.83
N ASN A 54 19.79 4.73 12.71
CA ASN A 54 20.90 4.21 13.51
C ASN A 54 21.63 5.30 14.26
N SER A 55 20.92 6.36 14.65
CA SER A 55 21.51 7.39 15.49
C SER A 55 21.75 6.86 16.88
N THR A 56 22.89 7.21 17.45
CA THR A 56 23.30 6.68 18.74
C THR A 56 23.49 7.82 19.72
N TYR A 57 22.93 7.66 20.91
CA TYR A 57 23.26 8.50 22.05
C TYR A 57 23.98 7.66 23.09
N TYR A 58 25.13 8.13 23.53
CA TYR A 58 25.91 7.47 24.57
C TYR A 58 26.02 8.43 25.75
N ALA A 59 25.71 7.94 26.95
CA ALA A 59 25.94 8.76 28.14
C ALA A 59 27.42 9.11 28.24
N ASP A 60 27.69 10.33 28.71
CA ASP A 60 29.07 10.83 28.69
C ASP A 60 29.99 10.01 29.57
N SER A 61 29.47 9.47 30.68
CA SER A 61 30.32 8.70 31.59
C SER A 61 30.81 7.41 30.93
N VAL A 62 29.92 6.71 30.20
CA VAL A 62 30.30 5.49 29.50
C VAL A 62 30.80 5.75 28.08
N LYS A 63 30.92 7.02 27.69
CA LYS A 63 31.36 7.36 26.34
C LYS A 63 32.72 6.76 26.03
N GLY A 64 32.85 6.17 24.85
CA GLY A 64 34.04 5.44 24.47
C GLY A 64 34.35 4.20 25.28
N ARG A 65 33.58 3.91 26.34
CA ARG A 65 33.76 2.71 27.13
C ARG A 65 32.72 1.64 26.82
N PHE A 66 31.61 2.03 26.18
CA PHE A 66 30.49 1.16 25.88
C PHE A 66 30.20 1.25 24.39
N THR A 67 29.58 0.19 23.84
CA THR A 67 29.10 0.18 22.48
C THR A 67 27.71 -0.43 22.42
N ILE A 68 26.88 0.07 21.51
CA ILE A 68 25.54 -0.42 21.28
C ILE A 68 25.45 -0.96 19.86
N SER A 69 24.88 -2.15 19.71
CA SER A 69 24.89 -2.84 18.43
C SER A 69 23.63 -3.68 18.32
N LEU A 70 23.23 -3.94 17.08
CA LEU A 70 21.99 -4.64 16.75
C LEU A 70 22.30 -5.77 15.78
N ASP A 71 21.70 -6.96 16.00
CA ASP A 71 21.99 -8.05 15.09
C ASP A 71 21.28 -7.82 13.77
N ASN A 72 21.51 -8.72 12.82
CA ASN A 72 20.79 -8.65 11.57
C ASN A 72 19.33 -9.02 11.78
N GLY A 73 18.44 -8.31 11.07
CA GLY A 73 17.03 -8.36 11.34
C GLY A 73 16.55 -7.39 12.40
N LYS A 74 17.48 -6.68 13.05
CA LYS A 74 17.14 -5.76 14.15
C LYS A 74 16.22 -6.46 15.16
N LYS A 75 16.61 -7.69 15.53
CA LYS A 75 15.83 -8.49 16.45
C LYS A 75 16.41 -8.50 17.86
N THR A 76 17.66 -8.08 17.99
CA THR A 76 18.38 -8.11 19.26
C THR A 76 19.32 -6.90 19.29
N LEU A 77 19.44 -6.28 20.45
CA LEU A 77 20.33 -5.15 20.63
C LEU A 77 21.35 -5.52 21.69
N TYR A 78 22.64 -5.37 21.39
CA TYR A 78 23.70 -5.67 22.34
C TYR A 78 24.33 -4.39 22.85
N LEU A 79 24.57 -4.34 24.16
CA LEU A 79 25.38 -3.29 24.78
C LEU A 79 26.68 -3.94 25.23
N GLN A 80 27.75 -3.70 24.48
CA GLN A 80 29.07 -4.25 24.81
C GLN A 80 29.79 -3.28 25.71
N MET A 81 30.05 -3.71 26.94
CA MET A 81 30.68 -2.88 27.96
C MET A 81 32.15 -3.24 28.06
N ASP A 82 33.01 -2.24 27.88
CA ASP A 82 34.46 -2.42 27.98
C ASP A 82 35.02 -1.50 29.06
N SER A 83 36.22 -1.83 29.53
CA SER A 83 36.94 -1.01 30.50
C SER A 83 36.06 -0.71 31.71
N LEU A 84 35.42 -1.76 32.22
CA LEU A 84 34.41 -1.59 33.26
C LEU A 84 35.03 -1.05 34.54
N GLU A 85 34.33 -0.12 35.17
CA GLU A 85 34.73 0.50 36.41
C GLU A 85 33.70 0.17 37.49
N ALA A 86 34.13 0.26 38.74
CA ALA A 86 33.26 -0.10 39.85
C ALA A 86 31.99 0.74 39.87
N GLU A 87 32.07 1.99 39.41
CA GLU A 87 30.89 2.86 39.40
C GLU A 87 29.78 2.27 38.55
N ASP A 88 30.14 1.56 37.48
CA ASP A 88 29.16 0.97 36.59
C ASP A 88 28.41 -0.20 37.23
N THR A 89 28.90 -0.72 38.36
CA THR A 89 28.18 -1.75 39.09
C THR A 89 26.76 -1.31 39.39
N ALA A 90 25.81 -2.12 38.91
CA ALA A 90 24.39 -1.87 39.13
C ALA A 90 23.57 -2.97 38.48
N ARG A 91 22.27 -2.72 38.33
CA ARG A 91 21.40 -3.56 37.53
C ARG A 91 21.04 -2.79 36.28
N TYR A 92 21.20 -3.42 35.12
CA TYR A 92 21.01 -2.74 33.84
C TYR A 92 19.69 -3.18 33.20
N TYR A 93 18.96 -2.20 32.67
CA TYR A 93 17.60 -2.36 32.16
C TYR A 93 17.57 -2.02 30.68
N CYS A 94 16.72 -2.73 29.94
CA CYS A 94 16.46 -2.43 28.54
C CYS A 94 14.99 -2.06 28.37
N ALA A 95 14.72 -1.08 27.51
CA ALA A 95 13.37 -0.63 27.28
C ALA A 95 13.27 0.00 25.90
N ALA A 96 12.04 0.05 25.38
CA ALA A 96 11.81 0.49 24.01
C ALA A 96 10.40 1.05 23.89
N GLY A 97 10.06 1.53 22.70
CA GLY A 97 8.83 2.27 22.47
C GLY A 97 8.91 3.66 23.05
N ALA A 98 8.28 4.64 22.42
CA ALA A 98 8.38 6.03 22.87
C ALA A 98 6.99 6.61 22.99
N ALA A 99 6.54 6.87 24.22
CA ALA A 99 5.20 7.41 24.46
C ALA A 99 5.12 8.89 24.10
N THR A 100 6.09 9.69 24.56
CA THR A 100 6.06 11.12 24.36
C THR A 100 6.75 11.49 23.05
N THR A 101 6.18 12.46 22.33
CA THR A 101 6.78 12.94 21.09
C THR A 101 8.19 13.45 21.36
N GLN A 102 8.40 14.04 22.53
CA GLN A 102 9.65 14.72 22.85
C GLN A 102 10.69 13.76 23.38
N THR A 103 10.29 12.54 23.79
CA THR A 103 11.23 11.43 23.82
C THR A 103 11.66 11.04 22.41
N MET A 104 10.69 10.94 21.49
CA MET A 104 10.98 10.50 20.13
C MET A 104 12.05 11.34 19.47
N VAL A 105 11.99 12.67 19.63
CA VAL A 105 12.96 13.54 18.96
C VAL A 105 14.33 13.40 19.61
N ALA A 106 14.38 13.18 20.93
CA ALA A 106 15.64 13.13 21.65
C ALA A 106 16.37 11.80 21.51
N CYS A 107 15.69 10.74 21.07
CA CYS A 107 16.32 9.42 21.02
C CYS A 107 17.49 9.42 20.05
N GLY A 108 18.65 8.96 20.53
CA GLY A 108 19.86 8.96 19.75
C GLY A 108 20.57 10.30 19.67
N ARG A 109 20.07 11.33 20.37
CA ARG A 109 20.62 12.67 20.25
C ARG A 109 20.99 13.26 21.61
N THR A 110 20.01 13.43 22.48
CA THR A 110 20.18 14.07 23.78
C THR A 110 19.72 13.13 24.88
N PRO A 111 20.11 13.38 26.14
CA PRO A 111 19.46 12.68 27.25
C PRO A 111 17.96 12.81 27.19
N GLY A 112 17.46 14.04 27.06
CA GLY A 112 16.07 14.31 26.79
C GLY A 112 15.10 13.74 27.80
N PRO A 113 13.83 13.60 27.41
CA PRO A 113 12.84 12.97 28.28
C PRO A 113 13.12 11.49 28.49
N TYR A 114 13.20 10.75 27.39
CA TYR A 114 13.41 9.30 27.38
C TYR A 114 12.36 8.59 28.27
N GLU A 115 11.15 8.60 27.74
CA GLU A 115 10.04 7.86 28.32
C GLU A 115 9.58 6.80 27.32
N LEU A 116 9.27 5.61 27.85
CA LEU A 116 9.34 4.41 27.05
C LEU A 116 8.13 3.54 27.37
N LYS A 117 7.52 2.95 26.34
CA LYS A 117 6.28 2.21 26.55
C LYS A 117 6.53 0.87 27.21
N TYR A 118 7.52 0.12 26.73
CA TYR A 118 7.75 -1.25 27.19
C TYR A 118 9.08 -1.36 27.90
N TRP A 119 9.11 -2.15 28.97
CA TRP A 119 10.27 -2.31 29.83
C TRP A 119 10.51 -3.80 30.10
N GLY A 120 11.75 -4.11 30.46
CA GLY A 120 12.11 -5.45 30.88
C GLY A 120 12.85 -5.40 32.21
N GLN A 121 12.88 -6.56 32.88
CA GLN A 121 13.42 -6.59 34.25
C GLN A 121 14.92 -6.33 34.29
N GLY A 122 15.68 -6.79 33.30
CA GLY A 122 17.10 -6.52 33.24
C GLY A 122 17.94 -7.49 34.04
N THR A 123 19.25 -7.21 34.05
CA THR A 123 20.21 -8.10 34.72
C THR A 123 21.22 -7.26 35.49
N GLN A 124 21.89 -7.92 36.43
CA GLN A 124 22.75 -7.27 37.41
C GLN A 124 24.22 -7.40 37.02
N VAL A 125 24.96 -6.31 37.20
CA VAL A 125 26.39 -6.27 36.93
C VAL A 125 27.10 -5.81 38.20
N THR A 126 28.10 -6.58 38.62
CA THR A 126 28.91 -6.24 39.79
C THR A 126 30.38 -6.19 39.36
N VAL A 127 30.99 -5.01 39.46
CA VAL A 127 32.37 -4.83 39.01
C VAL A 127 33.30 -5.11 40.19
N SER A 128 33.84 -6.32 40.24
CA SER A 128 34.81 -6.69 41.27
C SER A 128 36.07 -5.85 41.13
N SER A 129 36.66 -5.48 42.26
CA SER A 129 37.87 -4.67 42.27
C SER A 129 38.71 -4.95 43.50
N VAL B 2 6.50 0.41 -31.11
CA VAL B 2 5.72 -0.74 -31.53
C VAL B 2 5.65 -1.71 -30.36
N GLN B 3 4.75 -1.46 -29.42
CA GLN B 3 4.78 -2.21 -28.16
C GLN B 3 4.35 -3.66 -28.33
N LEU B 4 3.59 -3.98 -29.37
CA LEU B 4 3.09 -5.34 -29.58
C LEU B 4 3.59 -5.92 -30.90
N GLN B 5 3.59 -7.26 -30.94
CA GLN B 5 4.08 -8.03 -32.08
C GLN B 5 3.47 -9.42 -32.04
N GLU B 6 3.00 -9.89 -33.19
CA GLU B 6 2.22 -11.11 -33.31
C GLU B 6 3.05 -12.19 -33.99
N SER B 7 3.05 -13.39 -33.41
CA SER B 7 3.87 -14.49 -33.92
C SER B 7 3.10 -15.80 -33.86
N GLY B 8 3.62 -16.79 -34.58
CA GLY B 8 3.10 -18.14 -34.52
C GLY B 8 2.17 -18.53 -35.66
N GLY B 9 1.96 -17.65 -36.64
CA GLY B 9 1.09 -17.99 -37.75
C GLY B 9 1.74 -18.96 -38.73
N GLY B 10 0.89 -19.59 -39.54
CA GLY B 10 1.38 -20.52 -40.54
C GLY B 10 0.26 -21.00 -41.43
N SER B 11 0.61 -21.92 -42.32
CA SER B 11 -0.33 -22.55 -43.25
CA SER B 11 -0.35 -22.54 -43.23
C SER B 11 -0.55 -23.99 -42.81
N VAL B 12 -1.81 -24.36 -42.59
CA VAL B 12 -2.11 -25.69 -42.09
C VAL B 12 -3.53 -26.06 -42.49
N GLN B 13 -4.00 -27.22 -42.03
CA GLN B 13 -5.18 -27.84 -42.61
C GLN B 13 -6.04 -28.32 -41.45
N ALA B 14 -7.31 -28.61 -41.77
CA ALA B 14 -8.32 -29.01 -40.78
C ALA B 14 -7.79 -29.96 -39.72
N GLY B 15 -8.15 -29.72 -38.46
CA GLY B 15 -7.67 -30.53 -37.37
C GLY B 15 -6.30 -30.18 -36.83
N GLY B 16 -5.62 -29.21 -37.43
CA GLY B 16 -4.32 -28.82 -36.96
C GLY B 16 -4.39 -28.01 -35.68
N SER B 17 -3.25 -27.91 -35.01
CA SER B 17 -3.13 -27.14 -33.79
C SER B 17 -2.02 -26.11 -33.96
N LEU B 18 -2.32 -24.85 -33.59
CA LEU B 18 -1.44 -23.72 -33.84
C LEU B 18 -1.29 -22.92 -32.57
N THR B 19 -0.11 -22.36 -32.34
CA THR B 19 0.13 -21.52 -31.17
C THR B 19 0.46 -20.11 -31.64
N LEU B 20 -0.39 -19.16 -31.25
CA LEU B 20 -0.26 -17.75 -31.61
C LEU B 20 0.18 -16.98 -30.38
N SER B 21 1.27 -16.23 -30.50
CA SER B 21 1.91 -15.59 -29.36
C SER B 21 2.05 -14.09 -29.58
N CYS B 22 1.64 -13.31 -28.58
CA CYS B 22 1.76 -11.86 -28.61
C CYS B 22 2.95 -11.45 -27.74
N THR B 23 3.92 -10.78 -28.35
CA THR B 23 5.18 -10.44 -27.70
C THR B 23 5.21 -8.94 -27.42
N PHE B 24 5.36 -8.59 -26.14
CA PHE B 24 5.38 -7.21 -25.71
C PHE B 24 6.77 -6.60 -25.91
N SER B 25 6.83 -5.27 -25.91
CA SER B 25 8.13 -4.63 -25.84
C SER B 25 8.75 -4.83 -24.47
N SER B 26 10.01 -4.45 -24.36
CA SER B 26 10.82 -4.86 -23.22
C SER B 26 10.24 -4.38 -21.90
N GLU B 27 9.96 -3.09 -21.78
CA GLU B 27 9.54 -2.55 -20.49
C GLU B 27 8.10 -2.93 -20.17
N TYR B 28 7.22 -2.92 -21.16
CA TYR B 28 5.79 -2.99 -20.89
C TYR B 28 5.34 -4.40 -20.47
N THR B 29 4.42 -4.43 -19.51
CA THR B 29 3.76 -5.63 -19.03
C THR B 29 2.26 -5.38 -18.99
N PHE B 30 1.46 -6.44 -19.09
CA PHE B 30 0.01 -6.26 -18.98
C PHE B 30 -0.50 -6.68 -17.60
N THR B 31 0.37 -6.68 -16.59
CA THR B 31 -0.04 -7.05 -15.23
C THR B 31 -1.22 -6.21 -14.76
N HIS B 32 -1.20 -4.91 -15.08
CA HIS B 32 -2.21 -3.97 -14.65
C HIS B 32 -3.23 -3.66 -15.74
N ASN B 33 -3.37 -4.54 -16.72
CA ASN B 33 -4.31 -4.37 -17.82
C ASN B 33 -4.61 -5.75 -18.39
N ALA B 34 -4.98 -5.82 -19.67
CA ALA B 34 -5.40 -7.10 -20.25
C ALA B 34 -5.09 -7.13 -21.74
N VAL B 35 -5.11 -8.34 -22.29
CA VAL B 35 -4.81 -8.58 -23.70
C VAL B 35 -5.97 -9.36 -24.32
N GLY B 36 -6.29 -9.04 -25.56
CA GLY B 36 -7.32 -9.76 -26.27
C GLY B 36 -6.96 -10.10 -27.70
N TRP B 37 -7.06 -11.38 -28.06
CA TRP B 37 -6.84 -11.79 -29.44
C TRP B 37 -8.10 -11.57 -30.26
N PHE B 38 -7.92 -11.14 -31.50
CA PHE B 38 -9.02 -10.85 -32.40
C PHE B 38 -8.79 -11.53 -33.74
N ARG B 39 -9.87 -11.89 -34.41
CA ARG B 39 -9.81 -12.55 -35.72
C ARG B 39 -10.48 -11.68 -36.77
N GLN B 40 -9.78 -11.45 -37.88
CA GLN B 40 -10.27 -10.65 -38.99
C GLN B 40 -10.41 -11.55 -40.22
N ALA B 41 -11.61 -11.61 -40.76
CA ALA B 41 -11.86 -12.43 -41.94
C ALA B 41 -11.94 -11.56 -43.18
N PRO B 42 -11.28 -11.95 -44.27
CA PRO B 42 -11.42 -11.18 -45.52
C PRO B 42 -12.88 -11.13 -45.97
N GLY B 43 -13.36 -9.92 -46.24
CA GLY B 43 -14.75 -9.70 -46.60
C GLY B 43 -15.72 -9.68 -45.44
N LYS B 44 -15.23 -9.63 -44.19
CA LYS B 44 -16.06 -9.64 -43.01
C LYS B 44 -15.49 -8.64 -42.01
N GLU B 45 -16.25 -8.35 -40.96
CA GLU B 45 -15.77 -7.47 -39.91
C GLU B 45 -15.01 -8.26 -38.86
N ARG B 46 -14.12 -7.56 -38.16
CA ARG B 46 -13.28 -8.20 -37.16
C ARG B 46 -14.10 -8.72 -36.00
N GLU B 47 -13.64 -9.83 -35.41
CA GLU B 47 -14.25 -10.40 -34.23
C GLU B 47 -13.16 -10.72 -33.21
N GLY B 48 -13.55 -10.79 -31.95
CA GLY B 48 -12.60 -11.13 -30.90
C GLY B 48 -12.75 -12.55 -30.39
N VAL B 49 -11.72 -13.37 -30.58
CA VAL B 49 -11.81 -14.78 -30.21
C VAL B 49 -11.78 -14.95 -28.69
N ALA B 50 -10.84 -14.30 -28.01
CA ALA B 50 -10.69 -14.51 -26.58
C ALA B 50 -9.81 -13.41 -26.00
N ALA B 51 -9.75 -13.38 -24.67
CA ALA B 51 -8.97 -12.38 -23.96
C ALA B 51 -8.71 -12.89 -22.54
N ILE B 52 -7.63 -12.38 -21.95
CA ILE B 52 -7.22 -12.75 -20.60
C ILE B 52 -6.76 -11.50 -19.89
N ASN B 53 -7.23 -11.31 -18.66
CA ASN B 53 -6.76 -10.18 -17.88
C ASN B 53 -5.33 -10.42 -17.40
N GLY B 54 -4.69 -9.35 -16.95
CA GLY B 54 -3.45 -9.51 -16.20
C GLY B 54 -3.69 -10.37 -14.97
N GLY B 55 -2.69 -11.19 -14.66
CA GLY B 55 -2.76 -12.15 -13.56
C GLY B 55 -3.68 -13.34 -13.77
N GLY B 56 -4.35 -13.43 -14.92
CA GLY B 56 -5.13 -14.61 -15.24
C GLY B 56 -6.38 -14.83 -14.42
N GLY B 57 -6.84 -13.84 -13.65
CA GLY B 57 -8.07 -14.00 -12.91
C GLY B 57 -9.28 -14.15 -13.80
N SER B 58 -9.36 -13.33 -14.84
CA SER B 58 -10.54 -13.28 -15.71
C SER B 58 -10.12 -13.68 -17.11
N THR B 59 -10.68 -14.80 -17.60
CA THR B 59 -10.42 -15.29 -18.94
C THR B 59 -11.74 -15.37 -19.69
N TYR B 60 -11.80 -14.72 -20.84
CA TYR B 60 -13.02 -14.64 -21.64
C TYR B 60 -12.77 -15.30 -22.99
N TYR B 61 -13.61 -16.27 -23.34
CA TYR B 61 -13.53 -16.95 -24.63
C TYR B 61 -14.84 -16.77 -25.38
N ALA B 62 -14.77 -16.84 -26.71
CA ALA B 62 -15.98 -16.76 -27.51
C ALA B 62 -16.63 -18.13 -27.65
N ASP B 63 -17.95 -18.12 -27.90
CA ASP B 63 -18.69 -19.37 -28.00
C ASP B 63 -18.20 -20.24 -29.16
N SER B 64 -17.86 -19.60 -30.29
CA SER B 64 -17.43 -20.37 -31.45
C SER B 64 -16.20 -21.20 -31.15
N VAL B 65 -15.28 -20.65 -30.36
CA VAL B 65 -14.01 -21.31 -30.12
C VAL B 65 -13.98 -21.98 -28.75
N LYS B 66 -15.10 -21.98 -28.04
CA LYS B 66 -15.13 -22.59 -26.71
C LYS B 66 -14.81 -24.07 -26.86
N ASP B 67 -14.01 -24.57 -25.93
CA ASP B 67 -13.53 -25.95 -25.89
C ASP B 67 -12.64 -26.28 -27.08
N ARG B 68 -12.34 -25.33 -27.96
CA ARG B 68 -11.39 -25.58 -29.05
C ARG B 68 -10.12 -24.76 -28.94
N PHE B 69 -10.18 -23.56 -28.35
CA PHE B 69 -9.00 -22.72 -28.18
C PHE B 69 -8.76 -22.57 -26.68
N THR B 70 -7.54 -22.18 -26.33
CA THR B 70 -7.20 -21.93 -24.94
C THR B 70 -6.13 -20.83 -24.98
N ILE B 71 -6.24 -19.88 -24.05
CA ILE B 71 -5.35 -18.71 -23.93
C ILE B 71 -4.56 -18.78 -22.63
N SER B 72 -3.41 -18.13 -22.64
CA SER B 72 -2.51 -18.28 -21.53
C SER B 72 -1.62 -17.06 -21.40
N ARG B 73 -0.87 -17.03 -20.30
CA ARG B 73 0.03 -15.93 -20.00
C ARG B 73 1.26 -16.48 -19.28
N ASP B 74 2.27 -15.63 -19.15
CA ASP B 74 3.40 -15.95 -18.27
C ASP B 74 3.13 -15.40 -16.87
N ASN B 75 4.01 -15.76 -15.94
CA ASN B 75 3.87 -15.27 -14.57
C ASN B 75 4.05 -13.75 -14.50
N ALA B 76 5.02 -13.22 -15.24
CA ALA B 76 5.30 -11.79 -15.24
C ALA B 76 4.40 -11.00 -16.17
N ASN B 77 3.43 -11.65 -16.84
CA ASN B 77 2.49 -10.99 -17.74
C ASN B 77 3.24 -10.23 -18.84
N THR B 78 4.25 -10.88 -19.42
CA THR B 78 5.04 -10.31 -20.51
C THR B 78 4.53 -10.73 -21.88
N VAL B 79 4.05 -11.97 -22.00
CA VAL B 79 3.68 -12.56 -23.28
C VAL B 79 2.42 -13.39 -23.08
N ALA B 80 1.51 -13.31 -24.06
CA ALA B 80 0.27 -14.06 -24.04
C ALA B 80 0.14 -14.88 -25.31
N SER B 81 -0.49 -16.05 -25.18
CA SER B 81 -0.56 -17.02 -26.27
C SER B 81 -1.98 -17.55 -26.40
N LEU B 82 -2.36 -17.83 -27.64
CA LEU B 82 -3.63 -18.48 -27.97
C LEU B 82 -3.30 -19.86 -28.54
N ILE B 83 -3.66 -20.91 -27.80
CA ILE B 83 -3.49 -22.29 -28.27
C ILE B 83 -4.75 -22.70 -29.00
N MET B 84 -4.60 -23.02 -30.29
CA MET B 84 -5.73 -23.26 -31.17
C MET B 84 -5.70 -24.69 -31.70
N LYS B 85 -6.82 -25.39 -31.59
CA LYS B 85 -6.92 -26.79 -32.00
C LYS B 85 -8.21 -27.02 -32.75
N ASN B 86 -8.26 -28.14 -33.49
CA ASN B 86 -9.46 -28.57 -34.21
C ASN B 86 -10.01 -27.45 -35.09
N LEU B 87 -9.11 -26.86 -35.88
CA LEU B 87 -9.49 -25.70 -36.69
C LEU B 87 -10.36 -26.12 -37.87
N LYS B 88 -11.16 -25.16 -38.32
CA LYS B 88 -11.99 -25.30 -39.50
C LYS B 88 -11.52 -24.28 -40.53
N PRO B 89 -11.78 -24.50 -41.82
CA PRO B 89 -11.59 -23.40 -42.79
C PRO B 89 -12.33 -22.17 -42.35
N GLU B 90 -13.42 -22.40 -41.63
CA GLU B 90 -14.21 -21.34 -41.04
C GLU B 90 -13.33 -20.44 -40.15
N ASP B 91 -12.37 -21.05 -39.45
CA ASP B 91 -11.51 -20.34 -38.52
C ASP B 91 -10.41 -19.56 -39.21
N SER B 92 -10.21 -19.74 -40.52
CA SER B 92 -9.19 -19.02 -41.25
C SER B 92 -9.46 -17.51 -41.16
N GLY B 93 -8.37 -16.75 -41.17
CA GLY B 93 -8.48 -15.31 -41.12
C GLY B 93 -7.15 -14.70 -40.72
N ILE B 94 -7.21 -13.42 -40.37
CA ILE B 94 -6.07 -12.65 -39.90
C ILE B 94 -6.29 -12.35 -38.42
N TYR B 95 -5.31 -12.70 -37.60
CA TYR B 95 -5.43 -12.59 -36.15
C TYR B 95 -4.58 -11.42 -35.64
N TYR B 96 -5.08 -10.76 -34.59
CA TYR B 96 -4.36 -9.66 -33.96
C TYR B 96 -4.42 -9.83 -32.45
N CYS B 97 -3.43 -9.24 -31.76
CA CYS B 97 -3.46 -9.11 -30.31
C CYS B 97 -3.49 -7.63 -29.95
N ALA B 98 -4.31 -7.27 -28.98
CA ALA B 98 -4.50 -5.89 -28.60
C ALA B 98 -4.55 -5.76 -27.09
N THR B 99 -4.26 -4.56 -26.60
CA THR B 99 -4.23 -4.29 -25.17
C THR B 99 -4.58 -2.82 -24.95
N ASP B 100 -4.28 -2.30 -23.75
CA ASP B 100 -4.62 -0.95 -23.35
C ASP B 100 -6.12 -0.75 -23.45
N VAL B 101 -6.86 -1.27 -22.47
CA VAL B 101 -8.30 -1.41 -22.58
C VAL B 101 -8.94 -0.70 -21.39
N ARG B 102 -10.19 -0.29 -21.61
CA ARG B 102 -11.05 0.24 -20.54
C ARG B 102 -11.47 -0.93 -19.65
N LEU B 103 -10.80 -1.08 -18.52
CA LEU B 103 -11.01 -2.26 -17.68
C LEU B 103 -12.45 -2.36 -17.18
N ILE B 104 -13.03 -1.24 -16.76
CA ILE B 104 -14.36 -1.28 -16.14
C ILE B 104 -15.37 -1.93 -17.09
N ASP B 105 -15.33 -1.54 -18.37
CA ASP B 105 -16.23 -2.15 -19.35
C ASP B 105 -15.75 -3.53 -19.80
N TRP B 106 -14.45 -3.76 -19.81
CA TRP B 106 -13.92 -5.08 -20.16
C TRP B 106 -14.42 -6.15 -19.19
N TYR B 107 -14.26 -5.90 -17.89
CA TYR B 107 -14.76 -6.82 -16.89
C TYR B 107 -16.29 -6.80 -16.83
N SER B 108 -16.90 -5.70 -17.27
CA SER B 108 -18.35 -5.58 -17.32
C SER B 108 -18.98 -6.42 -18.42
N GLY B 109 -18.17 -6.99 -19.31
CA GLY B 109 -18.65 -7.90 -20.32
C GLY B 109 -18.63 -7.40 -21.75
N ASP B 110 -17.80 -6.42 -22.08
CA ASP B 110 -17.64 -5.97 -23.45
C ASP B 110 -16.25 -6.25 -23.99
N TRP B 111 -15.65 -7.37 -23.57
CA TRP B 111 -14.29 -7.69 -23.99
C TRP B 111 -14.21 -7.82 -25.51
N SER B 112 -15.31 -8.20 -26.15
CA SER B 112 -15.32 -8.35 -27.60
C SER B 112 -15.20 -7.01 -28.32
N LEU B 113 -15.72 -5.93 -27.73
CA LEU B 113 -15.77 -4.64 -28.42
C LEU B 113 -14.37 -4.12 -28.73
N ALA B 114 -14.13 -3.81 -30.00
CA ALA B 114 -12.80 -3.44 -30.43
C ALA B 114 -12.42 -2.04 -29.94
N ARG B 115 -13.40 -1.14 -29.88
CA ARG B 115 -13.09 0.26 -29.55
C ARG B 115 -12.41 0.38 -28.21
N LEU B 116 -12.72 -0.51 -27.27
CA LEU B 116 -12.15 -0.43 -25.92
C LEU B 116 -10.64 -0.52 -25.96
N TYR B 117 -10.10 -1.44 -26.75
CA TYR B 117 -8.66 -1.60 -26.86
C TYR B 117 -8.08 -0.41 -27.62
N SER B 118 -7.04 0.19 -27.06
CA SER B 118 -6.40 1.38 -27.63
C SER B 118 -5.21 1.04 -28.52
N THR B 119 -4.28 0.21 -28.03
CA THR B 119 -3.12 -0.20 -28.79
C THR B 119 -3.39 -1.54 -29.46
N TRP B 120 -3.12 -1.61 -30.75
CA TRP B 120 -3.38 -2.81 -31.54
C TRP B 120 -2.08 -3.25 -32.22
N GLY B 121 -1.97 -4.54 -32.50
CA GLY B 121 -0.76 -5.11 -33.01
C GLY B 121 -0.80 -5.38 -34.52
N GLN B 122 0.36 -5.73 -35.05
CA GLN B 122 0.51 -5.91 -36.50
C GLN B 122 -0.38 -7.03 -37.02
N GLY B 123 -0.29 -8.20 -36.40
CA GLY B 123 -1.16 -9.30 -36.74
C GLY B 123 -0.47 -10.35 -37.60
N THR B 124 -1.07 -11.53 -37.64
CA THR B 124 -0.56 -12.65 -38.43
C THR B 124 -1.73 -13.33 -39.12
N GLN B 125 -1.40 -14.06 -40.20
CA GLN B 125 -2.40 -14.65 -41.09
C GLN B 125 -2.59 -16.12 -40.77
N VAL B 126 -3.85 -16.53 -40.64
CA VAL B 126 -4.22 -17.93 -40.46
C VAL B 126 -4.85 -18.43 -41.74
N THR B 127 -4.24 -19.46 -42.31
CA THR B 127 -4.76 -20.17 -43.46
C THR B 127 -5.15 -21.57 -42.99
N VAL B 128 -6.44 -21.82 -42.86
CA VAL B 128 -6.98 -23.15 -42.64
C VAL B 128 -7.81 -23.49 -43.87
N SER B 129 -7.38 -24.50 -44.62
CA SER B 129 -8.15 -25.02 -45.73
C SER B 129 -8.82 -26.31 -45.28
N SER B 130 -9.43 -27.02 -46.23
CA SER B 130 -10.21 -28.24 -45.92
C SER B 130 -9.39 -29.51 -46.12
N VAL C 15 -20.43 11.15 -23.57
CA VAL C 15 -19.16 10.96 -22.88
C VAL C 15 -19.40 10.36 -21.49
N GLU C 16 -18.77 9.23 -21.20
CA GLU C 16 -18.95 8.52 -19.94
C GLU C 16 -17.67 8.56 -19.12
N CYS C 17 -17.82 8.81 -17.82
CA CYS C 17 -16.68 8.91 -16.93
C CYS C 17 -15.99 7.55 -16.80
N ASP C 18 -14.66 7.57 -16.81
CA ASP C 18 -13.86 6.34 -16.73
C ASP C 18 -13.45 6.12 -15.28
N PHE C 19 -14.01 5.09 -14.66
CA PHE C 19 -13.59 4.65 -13.33
C PHE C 19 -12.46 3.63 -13.39
N SER C 20 -11.98 3.30 -14.58
CA SER C 20 -10.94 2.28 -14.72
C SER C 20 -9.69 2.50 -13.87
N PRO C 21 -9.18 3.73 -13.66
CA PRO C 21 -7.98 3.88 -12.82
C PRO C 21 -8.06 3.23 -11.45
N LEU C 22 -9.24 3.09 -10.84
CA LEU C 22 -9.35 2.25 -9.65
C LEU C 22 -8.89 0.83 -9.94
N LEU C 23 -9.38 0.26 -11.05
CA LEU C 23 -9.18 -1.16 -11.31
C LEU C 23 -7.72 -1.51 -11.54
N SER C 24 -6.93 -0.58 -12.06
CA SER C 24 -5.52 -0.82 -12.36
C SER C 24 -4.65 -0.24 -11.26
N GLY C 25 -3.73 -1.05 -10.75
CA GLY C 25 -2.69 -0.60 -9.86
C GLY C 25 -2.82 -1.17 -8.46
N THR C 26 -1.80 -0.85 -7.66
CA THR C 26 -1.80 -1.16 -6.23
C THR C 26 -2.62 -0.11 -5.48
N PRO C 27 -3.75 -0.50 -4.88
CA PRO C 27 -4.55 0.46 -4.13
C PRO C 27 -3.74 1.14 -3.06
N PRO C 28 -3.66 2.47 -3.10
CA PRO C 28 -2.87 3.18 -2.10
C PRO C 28 -3.52 3.08 -0.72
N GLN C 29 -2.69 3.29 0.29
CA GLN C 29 -3.21 3.33 1.64
C GLN C 29 -3.91 4.65 1.90
N VAL C 30 -4.63 4.70 3.02
CA VAL C 30 -5.45 5.87 3.32
C VAL C 30 -4.62 7.15 3.33
N TYR C 31 -3.45 7.12 3.99
CA TYR C 31 -2.69 8.36 4.17
C TYR C 31 -2.15 8.90 2.85
N ASN C 32 -2.22 8.12 1.77
CA ASN C 32 -1.87 8.59 0.42
C ASN C 32 -3.00 8.24 -0.55
N PHE C 33 -4.20 8.75 -0.27
CA PHE C 33 -5.35 8.36 -1.09
C PHE C 33 -5.19 8.90 -2.50
N LYS C 34 -5.87 8.26 -3.43
CA LYS C 34 -5.91 8.70 -4.82
C LYS C 34 -7.25 9.34 -5.10
N ARG C 35 -7.23 10.54 -5.64
CA ARG C 35 -8.44 11.32 -5.90
C ARG C 35 -8.71 11.38 -7.40
N LEU C 36 -9.91 10.97 -7.80
CA LEU C 36 -10.35 11.05 -9.19
C LEU C 36 -11.43 12.11 -9.30
N VAL C 37 -11.18 13.13 -10.11
CA VAL C 37 -12.09 14.24 -10.30
C VAL C 37 -12.79 14.09 -11.65
N PHE C 38 -14.11 14.16 -11.64
CA PHE C 38 -14.90 13.92 -12.84
C PHE C 38 -15.80 15.12 -13.12
N THR C 39 -15.65 15.70 -14.31
CA THR C 39 -16.48 16.81 -14.76
C THR C 39 -16.89 16.55 -16.21
N ASN C 40 -18.07 17.07 -16.56
CA ASN C 40 -18.55 17.06 -17.94
C ASN C 40 -18.62 15.64 -18.51
N CYS C 41 -19.16 14.71 -17.73
CA CYS C 41 -19.28 13.33 -18.19
C CYS C 41 -20.50 12.70 -17.51
N ASN C 42 -20.75 11.43 -17.85
CA ASN C 42 -21.89 10.68 -17.36
C ASN C 42 -21.43 9.41 -16.66
N TYR C 43 -22.21 8.95 -15.67
CA TYR C 43 -21.74 7.90 -14.79
C TYR C 43 -22.77 6.80 -14.61
N ASN C 44 -22.26 5.58 -14.47
CA ASN C 44 -23.03 4.40 -14.13
C ASN C 44 -22.44 3.81 -12.85
N LEU C 45 -22.73 4.45 -11.71
CA LEU C 45 -22.15 4.02 -10.45
C LEU C 45 -22.40 2.54 -10.19
N THR C 46 -23.56 2.03 -10.64
CA THR C 46 -23.88 0.63 -10.45
C THR C 46 -22.75 -0.27 -10.93
N LYS C 47 -22.22 0.01 -12.13
CA LYS C 47 -21.11 -0.77 -12.67
C LYS C 47 -19.97 -0.90 -11.68
N LEU C 48 -19.36 0.22 -11.33
CA LEU C 48 -18.23 0.20 -10.40
C LEU C 48 -18.59 -0.55 -9.12
N LEU C 49 -19.78 -0.29 -8.58
CA LEU C 49 -20.21 -0.95 -7.36
C LEU C 49 -20.43 -2.45 -7.58
N SER C 50 -20.93 -2.83 -8.76
CA SER C 50 -21.31 -4.21 -9.00
CA SER C 50 -21.31 -4.21 -9.00
C SER C 50 -20.09 -5.13 -9.03
N LEU C 51 -18.99 -4.68 -9.63
CA LEU C 51 -17.80 -5.53 -9.72
C LEU C 51 -17.35 -5.97 -8.34
N PHE C 52 -17.16 -5.02 -7.44
CA PHE C 52 -16.75 -5.31 -6.07
C PHE C 52 -17.93 -5.88 -5.29
N SER C 53 -17.65 -6.43 -4.12
CA SER C 53 -18.69 -6.89 -3.20
C SER C 53 -18.79 -5.87 -2.07
N VAL C 54 -19.91 -5.14 -2.03
CA VAL C 54 -20.09 -4.10 -1.03
C VAL C 54 -20.35 -4.73 0.33
N ASN C 55 -19.77 -4.13 1.37
CA ASN C 55 -20.03 -4.50 2.76
C ASN C 55 -20.66 -3.39 3.57
N ASP C 56 -20.40 -2.13 3.25
CA ASP C 56 -21.09 -1.01 3.88
C ASP C 56 -21.07 0.19 2.94
N PHE C 57 -22.17 0.93 2.92
CA PHE C 57 -22.29 2.10 2.05
C PHE C 57 -23.11 3.15 2.78
N THR C 58 -22.38 4.11 3.35
CA THR C 58 -22.88 5.12 4.27
C THR C 58 -22.76 6.48 3.61
N CYS C 59 -23.88 7.19 3.50
CA CYS C 59 -23.94 8.49 2.85
C CYS C 59 -24.48 9.52 3.82
N SER C 60 -23.76 10.63 3.94
CA SER C 60 -24.20 11.78 4.75
C SER C 60 -24.61 12.90 3.81
N GLN C 61 -25.76 13.51 4.10
CA GLN C 61 -26.29 14.67 3.39
C GLN C 61 -26.79 14.30 2.01
N ILE C 62 -27.01 13.01 1.78
CA ILE C 62 -27.51 12.43 0.53
C ILE C 62 -27.79 10.96 0.83
N SER C 63 -28.44 10.26 -0.08
CA SER C 63 -28.72 8.85 0.20
C SER C 63 -27.92 7.96 -0.74
N PRO C 64 -27.79 6.67 -0.39
CA PRO C 64 -27.19 5.71 -1.34
C PRO C 64 -27.79 5.74 -2.72
N ALA C 65 -29.11 5.58 -2.83
CA ALA C 65 -29.74 5.56 -4.14
C ALA C 65 -29.61 6.92 -4.83
N ALA C 66 -29.69 8.01 -4.05
CA ALA C 66 -29.70 9.33 -4.66
C ALA C 66 -28.37 9.66 -5.34
N ILE C 67 -27.26 9.18 -4.77
CA ILE C 67 -25.96 9.56 -5.32
C ILE C 67 -25.85 9.13 -6.78
N ALA C 68 -26.46 8.00 -7.14
CA ALA C 68 -26.36 7.51 -8.51
C ALA C 68 -27.33 8.21 -9.45
N SER C 69 -28.44 8.72 -8.94
CA SER C 69 -29.53 9.18 -9.78
C SER C 69 -29.60 10.70 -9.91
N ASN C 70 -28.65 11.44 -9.36
CA ASN C 70 -28.71 12.89 -9.36
C ASN C 70 -27.60 13.49 -10.21
N CYS C 71 -27.92 14.58 -10.90
CA CYS C 71 -26.92 15.33 -11.65
C CYS C 71 -26.10 16.19 -10.70
N TYR C 72 -24.80 16.31 -11.00
CA TYR C 72 -23.89 17.06 -10.16
C TYR C 72 -23.04 17.99 -11.01
N SER C 73 -22.54 19.06 -10.38
CA SER C 73 -21.57 19.91 -11.05
C SER C 73 -20.20 19.22 -11.12
N SER C 74 -19.83 18.50 -10.07
CA SER C 74 -18.55 17.83 -10.00
C SER C 74 -18.67 16.63 -9.07
N LEU C 75 -18.00 15.54 -9.42
CA LEU C 75 -17.96 14.34 -8.59
C LEU C 75 -16.51 13.96 -8.34
N ILE C 76 -16.17 13.69 -7.08
CA ILE C 76 -14.82 13.37 -6.66
C ILE C 76 -14.83 11.98 -6.03
N LEU C 77 -14.04 11.08 -6.59
CA LEU C 77 -13.90 9.72 -6.09
C LEU C 77 -12.50 9.53 -5.51
N ASP C 78 -12.44 9.07 -4.27
CA ASP C 78 -11.18 8.79 -3.58
C ASP C 78 -11.16 7.31 -3.23
N TYR C 79 -10.19 6.58 -3.78
CA TYR C 79 -10.09 5.15 -3.53
C TYR C 79 -8.83 4.82 -2.76
N PHE C 80 -8.96 3.87 -1.84
CA PHE C 80 -7.90 3.49 -0.92
C PHE C 80 -8.18 2.08 -0.42
N SER C 81 -7.21 1.50 0.27
CA SER C 81 -7.33 0.15 0.80
C SER C 81 -7.57 0.24 2.30
N TYR C 82 -8.65 -0.39 2.77
CA TYR C 82 -9.07 -0.20 4.16
C TYR C 82 -9.51 -1.50 4.82
N PRO C 83 -9.00 -1.79 6.02
CA PRO C 83 -9.47 -2.97 6.75
C PRO C 83 -10.97 -2.88 7.02
N LEU C 84 -11.67 -3.99 6.78
CA LEU C 84 -13.06 -4.05 7.22
C LEU C 84 -13.16 -3.98 8.74
N SER C 85 -12.15 -4.53 9.43
CA SER C 85 -12.16 -4.49 10.89
C SER C 85 -12.16 -3.06 11.42
N MET C 86 -11.60 -2.12 10.67
CA MET C 86 -11.54 -0.73 11.10
C MET C 86 -12.75 0.08 10.62
N LYS C 87 -13.83 -0.60 10.22
CA LYS C 87 -15.11 0.03 9.94
C LYS C 87 -15.46 1.15 10.91
N SER C 88 -15.43 0.82 12.20
CA SER C 88 -15.82 1.76 13.25
C SER C 88 -15.07 3.08 13.16
N ASP C 89 -13.82 3.07 12.68
CA ASP C 89 -12.98 4.26 12.79
C ASP C 89 -13.25 5.30 11.71
N LEU C 90 -13.83 4.91 10.57
CA LEU C 90 -14.19 5.93 9.57
C LEU C 90 -15.43 6.72 9.99
N SER C 91 -16.54 6.02 10.25
CA SER C 91 -17.84 6.67 10.26
C SER C 91 -18.00 7.63 11.45
N VAL C 92 -17.62 7.18 12.66
CA VAL C 92 -17.78 8.03 13.84
C VAL C 92 -17.01 9.34 13.69
N SER C 93 -15.95 9.32 12.86
CA SER C 93 -15.11 10.45 12.49
C SER C 93 -14.05 10.73 13.55
N SER C 94 -14.34 11.68 14.46
CA SER C 94 -13.30 12.28 15.30
C SER C 94 -12.53 11.23 16.12
N ALA C 95 -13.22 10.22 16.64
CA ALA C 95 -12.55 9.20 17.44
C ALA C 95 -11.46 8.48 16.66
N GLY C 96 -11.73 8.19 15.39
CA GLY C 96 -10.76 7.55 14.54
C GLY C 96 -9.50 8.39 14.35
N PRO C 97 -8.34 7.81 14.67
CA PRO C 97 -7.08 8.44 14.24
C PRO C 97 -7.04 8.67 12.75
N ILE C 98 -7.83 7.89 12.01
CA ILE C 98 -7.99 8.07 10.57
C ILE C 98 -8.44 9.50 10.28
N SER C 99 -9.59 9.89 10.82
CA SER C 99 -10.09 11.24 10.58
C SER C 99 -9.15 12.31 11.13
N GLN C 100 -8.50 12.03 12.26
CA GLN C 100 -7.64 13.04 12.88
C GLN C 100 -6.40 13.31 12.03
N PHE C 101 -5.80 12.28 11.43
CA PHE C 101 -4.47 12.40 10.88
C PHE C 101 -4.38 11.92 9.44
N ASN C 102 -5.37 11.19 8.94
CA ASN C 102 -5.25 10.47 7.69
C ASN C 102 -6.17 11.05 6.62
N TYR C 103 -7.48 10.84 6.74
CA TYR C 103 -8.43 11.18 5.68
C TYR C 103 -9.62 11.91 6.28
N LYS C 104 -10.00 13.03 5.65
CA LYS C 104 -11.13 13.83 6.09
C LYS C 104 -11.87 14.35 4.86
N GLN C 105 -13.19 14.46 5.00
CA GLN C 105 -14.07 14.84 3.90
C GLN C 105 -14.83 16.11 4.26
N SER C 106 -15.23 16.87 3.25
CA SER C 106 -15.84 18.18 3.47
C SER C 106 -17.20 18.02 4.12
N PHE C 107 -17.30 18.48 5.37
CA PHE C 107 -18.56 18.77 6.04
C PHE C 107 -19.56 19.53 5.17
N SER C 108 -19.11 20.52 4.39
CA SER C 108 -20.04 21.31 3.60
C SER C 108 -20.79 20.47 2.57
N ASN C 109 -20.07 19.93 1.60
CA ASN C 109 -20.68 19.22 0.48
C ASN C 109 -21.09 17.81 0.92
N PRO C 110 -22.04 17.19 0.19
CA PRO C 110 -22.46 15.84 0.53
C PRO C 110 -21.34 14.83 0.37
N THR C 111 -21.50 13.70 1.06
CA THR C 111 -20.44 12.70 1.12
C THR C 111 -21.01 11.29 1.26
N CYS C 112 -20.40 10.36 0.52
CA CYS C 112 -20.69 8.94 0.62
C CYS C 112 -19.38 8.23 0.90
N LEU C 113 -19.46 7.04 1.48
CA LEU C 113 -18.24 6.38 1.92
C LEU C 113 -18.44 4.86 1.85
N ILE C 114 -17.69 4.22 0.96
CA ILE C 114 -18.01 2.90 0.44
C ILE C 114 -16.98 1.92 0.97
N LEU C 115 -17.45 0.79 1.50
CA LEU C 115 -16.56 -0.28 1.93
C LEU C 115 -16.87 -1.56 1.17
N ALA C 116 -15.85 -2.15 0.56
CA ALA C 116 -16.04 -3.32 -0.29
C ALA C 116 -14.83 -4.23 -0.18
N THR C 117 -14.98 -5.43 -0.73
CA THR C 117 -13.95 -6.44 -0.79
C THR C 117 -13.72 -6.80 -2.26
N VAL C 118 -12.46 -6.88 -2.66
CA VAL C 118 -12.14 -7.06 -4.08
C VAL C 118 -12.45 -8.49 -4.52
N PRO C 119 -12.92 -8.69 -5.74
CA PRO C 119 -13.11 -10.06 -6.23
C PRO C 119 -11.79 -10.67 -6.66
N HIS C 120 -11.74 -11.99 -6.58
CA HIS C 120 -10.53 -12.70 -6.97
C HIS C 120 -10.25 -12.46 -8.45
N ASN C 121 -11.27 -12.61 -9.29
CA ASN C 121 -11.15 -12.42 -10.73
C ASN C 121 -10.61 -11.08 -11.18
N LEU C 122 -10.65 -10.08 -10.32
CA LEU C 122 -9.96 -8.84 -10.61
C LEU C 122 -8.58 -8.91 -9.97
N THR C 123 -7.62 -9.48 -10.72
CA THR C 123 -6.21 -9.43 -10.34
C THR C 123 -5.54 -8.14 -10.74
N THR C 124 -6.21 -7.31 -11.54
CA THR C 124 -5.59 -6.09 -12.03
C THR C 124 -5.16 -5.21 -10.86
N ILE C 125 -5.95 -5.21 -9.80
CA ILE C 125 -5.54 -4.72 -8.49
C ILE C 125 -4.43 -5.60 -7.93
N THR C 126 -3.36 -4.99 -7.46
CA THR C 126 -2.25 -5.70 -6.84
C THR C 126 -2.24 -5.42 -5.34
N LYS C 127 -2.34 -6.47 -4.54
CA LYS C 127 -2.49 -6.30 -3.10
C LYS C 127 -1.22 -5.70 -2.49
N PRO C 128 -1.34 -4.79 -1.53
CA PRO C 128 -0.19 -4.38 -0.74
C PRO C 128 0.19 -5.48 0.23
N LEU C 129 1.31 -5.26 0.91
CA LEU C 129 1.77 -6.26 1.88
C LEU C 129 0.90 -6.26 3.13
N LYS C 130 0.64 -5.09 3.68
CA LYS C 130 -0.13 -5.01 4.92
C LYS C 130 -0.87 -3.67 4.94
N TYR C 131 -1.99 -3.65 5.65
CA TYR C 131 -2.75 -2.43 5.83
C TYR C 131 -2.00 -1.51 6.80
N SER C 132 -2.13 -0.20 6.61
CA SER C 132 -1.39 0.75 7.43
C SER C 132 -2.14 2.08 7.59
N TYR C 133 -2.02 2.67 8.78
CA TYR C 133 -2.62 3.95 9.10
C TYR C 133 -1.73 4.69 10.10
N ILE C 134 -1.89 6.01 10.15
CA ILE C 134 -1.09 6.88 10.99
C ILE C 134 -1.80 7.04 12.32
N ASN C 135 -1.15 6.64 13.42
CA ASN C 135 -1.81 6.79 14.71
C ASN C 135 -1.62 8.18 15.29
N LYS C 136 -0.59 8.90 14.85
CA LYS C 136 -0.36 10.26 15.33
C LYS C 136 0.54 11.01 14.35
N CYS C 137 0.24 12.31 14.20
CA CYS C 137 1.02 13.29 13.45
C CYS C 137 1.12 14.54 14.30
N SER C 138 2.33 14.92 14.64
CA SER C 138 2.51 16.08 15.53
C SER C 138 3.78 16.84 15.15
N ARG C 139 3.87 18.09 15.58
CA ARG C 139 5.02 18.95 15.34
C ARG C 139 5.51 19.49 16.68
N LEU C 140 6.83 19.50 16.85
CA LEU C 140 7.45 20.04 18.05
C LEU C 140 8.12 21.35 17.70
N LEU C 141 7.70 22.43 18.35
CA LEU C 141 8.28 23.74 18.09
C LEU C 141 9.71 23.79 18.63
N SER C 142 10.49 24.76 18.11
CA SER C 142 11.91 24.82 18.42
C SER C 142 12.16 24.97 19.91
N ASP C 143 11.35 25.78 20.59
CA ASP C 143 11.45 25.92 22.04
C ASP C 143 11.29 24.60 22.79
N ASP C 144 10.80 23.55 22.12
CA ASP C 144 10.69 22.18 22.64
C ASP C 144 9.62 22.05 23.71
N ARG C 145 9.16 20.81 23.98
CA ARG C 145 8.18 20.56 25.04
C ARG C 145 6.89 21.34 24.76
N THR C 146 6.56 21.45 23.46
CA THR C 146 5.40 22.17 22.94
C THR C 146 4.80 21.33 21.80
N GLU C 147 4.12 20.24 22.16
CA GLU C 147 3.56 19.34 21.16
C GLU C 147 2.34 19.98 20.53
N VAL C 148 2.44 20.27 19.23
CA VAL C 148 1.30 20.79 18.47
C VAL C 148 0.84 19.70 17.49
N PRO C 149 -0.19 18.95 17.84
CA PRO C 149 -0.75 17.98 16.88
C PRO C 149 -1.13 18.67 15.58
N GLN C 150 -0.72 18.07 14.47
CA GLN C 150 -0.99 18.62 13.14
C GLN C 150 -2.08 17.77 12.50
N LEU C 151 -3.33 18.14 12.76
CA LEU C 151 -4.45 17.41 12.18
C LEU C 151 -4.60 17.71 10.70
N VAL C 152 -5.36 16.87 10.03
CA VAL C 152 -5.50 16.90 8.58
C VAL C 152 -6.73 17.72 8.21
N ASN C 153 -6.51 18.75 7.39
CA ASN C 153 -7.63 19.46 6.79
C ASN C 153 -8.25 18.60 5.70
N ALA C 154 -9.57 18.64 5.62
CA ALA C 154 -10.27 17.90 4.58
C ALA C 154 -9.84 18.39 3.21
N ASN C 155 -9.84 17.48 2.23
CA ASN C 155 -9.39 17.74 0.87
C ASN C 155 -7.91 18.13 0.82
N GLN C 156 -7.17 17.78 1.87
CA GLN C 156 -5.74 18.01 1.98
C GLN C 156 -5.08 16.74 2.51
N TYR C 157 -3.83 16.53 2.12
CA TYR C 157 -3.04 15.41 2.60
C TYR C 157 -2.33 15.83 3.89
N SER C 158 -2.24 14.90 4.83
CA SER C 158 -1.52 15.21 6.07
C SER C 158 -0.09 15.63 5.73
N PRO C 159 0.43 16.71 6.33
CA PRO C 159 1.81 17.10 6.02
C PRO C 159 2.84 16.03 6.33
N CYS C 160 2.56 15.15 7.31
CA CYS C 160 3.44 14.03 7.63
C CYS C 160 3.58 13.00 6.52
N VAL C 161 2.85 13.16 5.40
CA VAL C 161 2.92 12.11 4.37
C VAL C 161 4.34 11.97 3.84
N SER C 162 5.10 13.06 3.80
CA SER C 162 6.46 12.99 3.26
C SER C 162 7.35 12.07 4.11
N ILE C 163 7.25 12.18 5.44
CA ILE C 163 8.15 11.40 6.30
C ILE C 163 7.73 9.94 6.35
N VAL C 164 6.44 9.65 6.19
CA VAL C 164 5.89 8.31 6.31
C VAL C 164 6.22 7.50 5.07
N PRO C 165 6.53 6.22 5.19
CA PRO C 165 6.71 5.37 4.01
C PRO C 165 5.37 4.98 3.39
N SER C 166 5.45 4.49 2.16
CA SER C 166 4.24 4.08 1.44
C SER C 166 3.48 3.00 2.20
N THR C 167 4.21 2.04 2.77
CA THR C 167 3.61 1.00 3.60
C THR C 167 4.51 0.80 4.80
N VAL C 168 3.91 0.78 6.00
CA VAL C 168 4.67 0.69 7.24
C VAL C 168 5.12 -0.75 7.42
N TRP C 169 6.44 -0.98 7.40
CA TRP C 169 7.02 -2.27 7.80
C TRP C 169 6.44 -2.86 9.08
N GLU C 170 6.52 -2.16 10.21
CA GLU C 170 6.09 -2.82 11.43
C GLU C 170 5.26 -1.87 12.29
N ASP C 171 4.29 -2.43 13.00
CA ASP C 171 3.43 -1.64 13.87
C ASP C 171 4.26 -0.89 14.91
N GLY C 172 3.93 0.38 15.10
CA GLY C 172 4.57 1.21 16.09
C GLY C 172 5.76 2.01 15.60
N ASP C 173 6.15 1.84 14.33
CA ASP C 173 7.27 2.59 13.81
C ASP C 173 6.97 4.09 13.81
N TYR C 174 7.97 4.88 14.17
CA TYR C 174 7.83 6.33 14.15
C TYR C 174 8.92 6.92 13.27
N TYR C 175 8.56 8.00 12.59
CA TYR C 175 9.42 8.61 11.59
C TYR C 175 9.52 10.09 11.91
N ARG C 176 10.67 10.70 11.61
CA ARG C 176 10.90 12.06 12.06
C ARG C 176 11.78 12.80 11.06
N LYS C 177 11.70 14.14 11.11
CA LYS C 177 12.48 15.04 10.28
C LYS C 177 12.71 16.33 11.04
N GLN C 178 13.85 16.97 10.81
CA GLN C 178 14.11 18.29 11.36
C GLN C 178 13.87 19.33 10.26
N LEU C 179 12.96 20.25 10.52
CA LEU C 179 12.54 21.21 9.51
C LEU C 179 13.50 22.40 9.48
N SER C 180 13.61 23.02 8.30
CA SER C 180 14.45 24.18 8.14
C SER C 180 13.90 25.36 8.95
N PRO C 181 14.77 26.24 9.43
CA PRO C 181 14.28 27.49 10.05
C PRO C 181 13.28 28.22 9.16
N LEU C 182 13.55 28.24 7.86
CA LEU C 182 12.64 28.84 6.90
C LEU C 182 11.24 28.24 6.99
N GLU C 183 11.15 26.93 7.14
CA GLU C 183 9.88 26.25 7.29
C GLU C 183 9.30 26.38 8.69
N GLY C 184 9.97 27.09 9.58
CA GLY C 184 9.56 27.17 10.98
C GLY C 184 10.43 26.39 11.94
N GLY C 185 11.46 25.70 11.45
CA GLY C 185 12.34 24.92 12.30
C GLY C 185 11.58 23.81 13.01
N GLY C 186 12.18 23.36 14.11
CA GLY C 186 11.55 22.33 14.90
C GLY C 186 11.62 20.97 14.22
N TRP C 187 10.79 20.06 14.72
CA TRP C 187 10.78 18.68 14.28
C TRP C 187 9.36 18.26 13.91
N LEU C 188 9.26 17.44 12.88
CA LEU C 188 7.99 16.84 12.46
C LEU C 188 8.07 15.35 12.72
N VAL C 189 7.17 14.84 13.57
CA VAL C 189 7.21 13.45 13.99
C VAL C 189 5.85 12.81 13.73
N ALA C 190 5.88 11.51 13.44
CA ALA C 190 4.65 10.76 13.20
C ALA C 190 4.92 9.29 13.51
N SER C 191 3.88 8.61 13.98
CA SER C 191 3.93 7.18 14.26
C SER C 191 2.74 6.52 13.56
N GLY C 192 2.87 5.21 13.32
CA GLY C 192 1.85 4.52 12.57
C GLY C 192 1.47 3.17 13.16
N SER C 193 0.64 2.42 12.44
CA SER C 193 0.25 1.09 12.85
C SER C 193 -0.08 0.27 11.61
N THR C 194 -0.16 -1.04 11.80
CA THR C 194 -0.37 -1.98 10.71
C THR C 194 -1.52 -2.93 11.05
N VAL C 195 -2.16 -3.44 10.00
CA VAL C 195 -3.14 -4.51 10.12
C VAL C 195 -2.82 -5.54 9.05
N ALA C 196 -2.84 -6.82 9.43
CA ALA C 196 -2.42 -7.87 8.52
C ALA C 196 -3.33 -7.94 7.30
N MET C 197 -2.73 -8.25 6.16
CA MET C 197 -3.48 -8.31 4.91
C MET C 197 -4.49 -9.45 4.95
N THR C 198 -5.65 -9.21 4.33
CA THR C 198 -6.68 -10.23 4.19
C THR C 198 -6.46 -10.99 2.88
N GLU C 199 -7.06 -12.18 2.81
CA GLU C 199 -6.96 -12.99 1.58
C GLU C 199 -7.46 -12.20 0.37
N GLN C 200 -8.59 -11.50 0.53
CA GLN C 200 -9.14 -10.65 -0.50
C GLN C 200 -9.00 -9.20 -0.03
N LEU C 201 -8.46 -8.35 -0.89
CA LEU C 201 -8.22 -6.97 -0.49
C LEU C 201 -9.52 -6.29 -0.09
N GLN C 202 -9.50 -5.66 1.07
CA GLN C 202 -10.63 -4.89 1.57
C GLN C 202 -10.37 -3.42 1.29
N MET C 203 -11.21 -2.83 0.44
CA MET C 203 -10.99 -1.48 -0.03
C MET C 203 -12.07 -0.54 0.50
N GLY C 204 -11.74 0.74 0.49
CA GLY C 204 -12.70 1.78 0.78
C GLY C 204 -12.74 2.81 -0.32
N PHE C 205 -13.96 3.22 -0.69
CA PHE C 205 -14.18 4.27 -1.68
C PHE C 205 -14.94 5.41 -1.03
N GLY C 206 -14.46 6.64 -1.25
CA GLY C 206 -15.13 7.81 -0.71
C GLY C 206 -15.57 8.78 -1.79
N ILE C 207 -16.82 9.19 -1.75
CA ILE C 207 -17.40 10.05 -2.79
C ILE C 207 -17.83 11.35 -2.15
N THR C 208 -17.39 12.47 -2.74
CA THR C 208 -17.80 13.80 -2.33
C THR C 208 -18.25 14.56 -3.57
N VAL C 209 -19.46 15.14 -3.50
CA VAL C 209 -20.10 15.73 -4.67
C VAL C 209 -20.46 17.19 -4.38
N GLN C 210 -20.54 17.98 -5.45
CA GLN C 210 -20.93 19.38 -5.36
C GLN C 210 -22.08 19.67 -6.31
N TYR C 211 -23.16 20.22 -5.76
CA TYR C 211 -24.26 20.77 -6.52
C TYR C 211 -23.95 22.25 -6.75
N GLY C 212 -24.21 22.74 -7.95
CA GLY C 212 -23.86 24.12 -8.25
C GLY C 212 -24.92 24.83 -9.09
N THR C 213 -24.93 26.17 -8.97
CA THR C 213 -25.56 27.01 -9.98
C THR C 213 -25.03 26.61 -11.35
N ASP C 214 -23.72 26.42 -11.43
CA ASP C 214 -23.00 25.70 -12.46
C ASP C 214 -23.88 24.65 -13.10
N THR C 215 -24.21 24.83 -14.38
CA THR C 215 -25.01 23.85 -15.08
C THR C 215 -24.44 22.47 -14.82
N ASN C 216 -25.18 21.67 -14.06
CA ASN C 216 -24.68 20.36 -13.63
C ASN C 216 -24.38 19.49 -14.84
N SER C 217 -23.09 19.44 -15.20
CA SER C 217 -22.67 18.65 -16.35
C SER C 217 -22.63 17.16 -16.04
N VAL C 218 -22.14 16.80 -14.86
CA VAL C 218 -22.07 15.39 -14.46
C VAL C 218 -23.49 14.89 -14.20
N CYS C 219 -23.86 13.81 -14.87
CA CYS C 219 -25.22 13.30 -14.84
C CYS C 219 -25.19 11.79 -15.02
N PRO C 220 -26.24 11.08 -14.60
CA PRO C 220 -26.24 9.63 -14.74
C PRO C 220 -26.47 9.18 -16.18
N LYS C 221 -25.83 8.08 -16.53
CA LYS C 221 -26.00 7.48 -17.86
C LYS C 221 -27.36 6.80 -17.94
N LEU C 222 -28.08 7.07 -19.02
CA LEU C 222 -29.46 6.61 -19.15
C LEU C 222 -29.60 5.49 -20.17
C1 NAG D . 21.37 0.35 10.39
C2 NAG D . 21.14 0.49 8.88
C3 NAG D . 20.78 -0.87 8.29
C4 NAG D . 21.86 -1.89 8.61
C5 NAG D . 22.09 -1.95 10.11
C6 NAG D . 23.25 -2.83 10.50
C7 NAG D . 20.37 2.75 8.32
C8 NAG D . 19.18 3.62 8.02
N2 NAG D . 20.09 1.47 8.58
O3 NAG D . 20.62 -0.75 6.87
O4 NAG D . 21.49 -3.17 8.13
O5 NAG D . 22.38 -0.65 10.64
O6 NAG D . 23.72 -2.53 11.80
O7 NAG D . 21.50 3.20 8.36
C1 FUC D . 25.09 -2.10 11.74
C2 FUC D . 25.28 -1.04 12.84
C3 FUC D . 25.02 -1.66 14.21
C4 FUC D . 25.94 -2.87 14.43
C5 FUC D . 25.82 -3.85 13.23
C6 FUC D . 26.87 -4.96 13.26
O2 FUC D . 24.47 0.11 12.63
O3 FUC D . 25.29 -0.73 15.26
O4 FUC D . 27.29 -2.43 14.54
O5 FUC D . 25.95 -3.19 11.94
C1 NAG E . -14.13 -16.14 -10.96
C2 NAG E . -13.57 -16.73 -12.26
C3 NAG E . -13.12 -18.18 -12.06
C4 NAG E . -13.91 -18.88 -10.97
C5 NAG E . -13.85 -18.12 -9.64
C6 NAG E . -12.87 -18.73 -8.65
C7 NAG E . -14.17 -16.09 -14.54
C8 NAG E . -15.26 -16.02 -15.57
N2 NAG E . -14.52 -16.62 -13.36
O3 NAG E . -11.73 -18.20 -11.74
O4 NAG E . -15.26 -19.00 -11.41
O5 NAG E . -13.46 -16.76 -9.84
O6 NAG E . -11.54 -18.82 -9.15
O7 NAG E . -13.03 -15.71 -14.78
C1 NAG E . -15.56 -20.40 -11.39
C2 NAG E . -15.22 -21.02 -12.76
C3 NAG E . -15.35 -22.54 -12.71
C4 NAG E . -14.62 -23.14 -11.52
C5 NAG E . -15.03 -22.44 -10.24
C6 NAG E . -14.24 -22.89 -9.04
C7 NAG E . -15.63 -19.64 -14.76
C8 NAG E . -16.66 -19.19 -15.75
N2 NAG E . -16.07 -20.46 -13.81
O3 NAG E . -14.83 -23.10 -13.91
O4 NAG E . -14.92 -24.52 -11.39
O5 NAG E . -14.78 -21.03 -10.38
O6 NAG E . -12.93 -22.35 -9.05
O7 NAG E . -14.46 -19.27 -14.83
C1 NAG F . -24.76 0.05 -15.91
C2 NAG F . -25.40 -0.22 -17.27
C3 NAG F . -26.23 -1.51 -17.23
C4 NAG F . -25.37 -2.67 -16.73
C5 NAG F . -24.77 -2.31 -15.37
C6 NAG F . -23.84 -3.38 -14.84
C7 NAG F . -25.77 1.88 -18.48
C8 NAG F . -26.75 2.96 -18.82
N2 NAG F . -26.23 0.89 -17.69
O3 NAG F . -26.72 -1.80 -18.54
O4 NAG F . -26.17 -3.84 -16.60
O5 NAG F . -24.00 -1.10 -15.49
O6 NAG F . -24.49 -4.65 -14.83
O7 NAG F . -24.62 1.89 -18.90
#